data_6EBA
#
_entry.id   6EBA
#
_cell.length_a   87.628
_cell.length_b   98.487
_cell.length_c   125.521
_cell.angle_alpha   90.00
_cell.angle_beta   90.00
_cell.angle_gamma   90.00
#
_symmetry.space_group_name_H-M   'P 21 21 21'
#
_entity_poly.entity_id   1
_entity_poly.type   'polypeptide(L)'
_entity_poly.pdbx_seq_one_letter_code
;MTATADAAETGNGHITGFGSKPYRSYVLLALTLIYTLNFIDRTVITVVAQPIINTFSLSDAQWGLLTGPPFALFYALMGI
PIAMWADRGNRVFIISLCVIIWSIMTVFCGLAASFIWLLLFRVGVAIGEAGCTPPANSIITDYYPPKSRANAIGIYSMGV
TVGGVMAQLFGGALAGLQGADFGNFLSSIGLGWLFSGINWEEVEGWRLVFVIVGAPGILVALILWLTTREPPRGYSDPKG
KTPLEKAGFFEAFREFGAKPTFWSLSLGAAFVAFVGYGLISFQAPFLMRVHGVSVSEAAIRYGAPLAAVAAFGTFLGGFL
SEKFTPRFPAIVAWLPGVGLLIAIPAYIAAFLTPSLTMAFWMWVIAAIAHYAYLGAQYTVSTAIVSPRSRATTVSVLLLI
VSLIGNGLGPMFTGMMSSAFMGGIIRKNGLEEAFATFNPGLCAGRMAEIGEMGPALCSAYAEGLRQSMVATVVFLVIAAA
FYFLASRTFLKDRWSPAADAAAENLYFQ
;
_entity_poly.pdbx_strand_id   A
#
# COMPACT_ATOMS: atom_id res chain seq x y z
N GLY A 19 -20.54 -2.84 25.18
CA GLY A 19 -21.49 -2.75 24.08
C GLY A 19 -22.67 -3.69 24.24
N SER A 20 -22.60 -4.84 23.58
CA SER A 20 -23.65 -5.84 23.63
C SER A 20 -23.09 -7.20 23.24
N LYS A 21 -23.50 -7.71 22.08
CA LYS A 21 -22.84 -8.86 21.46
C LYS A 21 -23.18 -8.93 19.97
N PRO A 22 -24.45 -9.02 19.57
CA PRO A 22 -24.72 -8.94 18.12
C PRO A 22 -24.57 -7.54 17.58
N TYR A 23 -25.00 -6.53 18.35
CA TYR A 23 -24.79 -5.15 17.98
C TYR A 23 -23.30 -4.81 17.97
N ARG A 24 -22.55 -5.34 18.95
CA ARG A 24 -21.11 -5.12 18.97
C ARG A 24 -20.44 -5.76 17.75
N SER A 25 -20.86 -6.97 17.38
CA SER A 25 -20.34 -7.60 16.16
C SER A 25 -20.72 -6.82 14.91
N TYR A 26 -21.90 -6.20 14.91
CA TYR A 26 -22.29 -5.35 13.77
C TYR A 26 -21.37 -4.14 13.65
N VAL A 27 -21.14 -3.46 14.79
CA VAL A 27 -20.22 -2.33 14.80
C VAL A 27 -18.85 -2.77 14.31
N LEU A 28 -18.42 -3.96 14.72
CA LEU A 28 -17.15 -4.51 14.27
C LEU A 28 -17.13 -4.68 12.75
N LEU A 29 -18.16 -5.32 12.20
CA LEU A 29 -18.21 -5.51 10.75
C LEU A 29 -18.21 -4.18 10.02
N ALA A 30 -18.91 -3.18 10.56
CA ALA A 30 -18.93 -1.87 9.93
C ALA A 30 -17.54 -1.25 9.90
N LEU A 31 -16.84 -1.26 11.04
CA LEU A 31 -15.51 -0.66 11.09
C LEU A 31 -14.53 -1.42 10.20
N THR A 32 -14.66 -2.75 10.12
CA THR A 32 -13.77 -3.52 9.27
C THR A 32 -14.05 -3.27 7.79
N LEU A 33 -15.32 -3.04 7.44
CA LEU A 33 -15.61 -2.65 6.06
C LEU A 33 -15.06 -1.26 5.76
N ILE A 34 -15.09 -0.37 6.76
CA ILE A 34 -14.42 0.93 6.62
C ILE A 34 -12.93 0.74 6.33
N TYR A 35 -12.30 -0.21 7.01
CA TYR A 35 -10.86 -0.43 6.82
C TYR A 35 -10.55 -1.06 5.48
N THR A 36 -11.34 -2.06 5.07
CA THR A 36 -11.17 -2.65 3.74
C THR A 36 -11.37 -1.61 2.66
N LEU A 37 -12.39 -0.75 2.81
CA LEU A 37 -12.63 0.33 1.86
C LEU A 37 -11.46 1.32 1.85
N ASN A 38 -10.90 1.59 3.04
CA ASN A 38 -9.70 2.40 3.16
C ASN A 38 -8.59 1.87 2.26
N PHE A 39 -8.24 0.60 2.42
CA PHE A 39 -7.12 0.09 1.63
C PHE A 39 -7.48 -0.08 0.15
N ILE A 40 -8.75 -0.35 -0.16
CA ILE A 40 -9.19 -0.32 -1.56
C ILE A 40 -8.88 1.03 -2.18
N ASP A 41 -9.36 2.10 -1.54
CA ASP A 41 -9.15 3.46 -2.06
C ASP A 41 -7.66 3.78 -2.12
N ARG A 42 -6.89 3.30 -1.14
CA ARG A 42 -5.48 3.66 -1.09
C ARG A 42 -4.69 2.99 -2.21
N THR A 43 -4.93 1.70 -2.45
CA THR A 43 -4.10 0.96 -3.40
C THR A 43 -4.68 0.90 -4.81
N VAL A 44 -5.90 1.39 -5.03
CA VAL A 44 -6.49 1.31 -6.37
C VAL A 44 -5.71 2.12 -7.40
N ILE A 45 -4.90 3.08 -6.96
CA ILE A 45 -4.20 3.96 -7.90
C ILE A 45 -3.17 3.20 -8.73
N THR A 46 -2.65 2.08 -8.23
CA THR A 46 -1.59 1.38 -8.94
C THR A 46 -2.09 0.61 -10.15
N VAL A 47 -3.36 0.20 -10.16
CA VAL A 47 -3.88 -0.53 -11.32
C VAL A 47 -4.17 0.40 -12.49
N VAL A 48 -4.37 1.69 -12.24
CA VAL A 48 -4.66 2.66 -13.30
C VAL A 48 -3.42 3.51 -13.55
N ALA A 49 -2.24 2.90 -13.38
CA ALA A 49 -0.99 3.63 -13.55
C ALA A 49 -0.79 4.06 -14.99
N GLN A 50 -0.72 3.09 -15.90
CA GLN A 50 -0.57 3.41 -17.32
C GLN A 50 -1.68 4.28 -17.87
N PRO A 51 -2.97 4.08 -17.55
CA PRO A 51 -3.98 5.04 -18.03
C PRO A 51 -3.74 6.47 -17.57
N ILE A 52 -3.49 6.66 -16.27
CA ILE A 52 -3.31 8.00 -15.73
C ILE A 52 -2.09 8.68 -16.37
N ILE A 53 -0.98 7.95 -16.48
CA ILE A 53 0.20 8.53 -17.12
C ILE A 53 0.00 8.68 -18.62
N ASN A 54 -0.93 7.92 -19.20
CA ASN A 54 -1.17 8.00 -20.64
C ASN A 54 -1.92 9.27 -21.00
N THR A 55 -2.96 9.60 -20.23
CA THR A 55 -3.72 10.81 -20.52
C THR A 55 -2.92 12.06 -20.17
N PHE A 56 -2.30 12.08 -19.00
CA PHE A 56 -1.51 13.24 -18.57
C PHE A 56 -0.10 13.26 -19.14
N SER A 57 0.25 12.29 -19.98
CA SER A 57 1.58 12.21 -20.59
C SER A 57 2.68 12.27 -19.53
N LEU A 58 2.49 11.50 -18.47
CA LEU A 58 3.42 11.53 -17.35
C LEU A 58 4.64 10.67 -17.62
N SER A 59 5.76 11.08 -17.05
CA SER A 59 6.92 10.20 -16.97
C SER A 59 6.74 9.24 -15.80
N ASP A 60 7.43 8.11 -15.88
CA ASP A 60 7.42 7.16 -14.77
C ASP A 60 7.92 7.80 -13.50
N ALA A 61 8.85 8.76 -13.62
CA ALA A 61 9.29 9.53 -12.47
C ALA A 61 8.12 10.22 -11.80
N GLN A 62 7.32 10.95 -12.58
CA GLN A 62 6.15 11.64 -12.03
C GLN A 62 5.19 10.65 -11.37
N TRP A 63 5.07 9.44 -11.93
CA TRP A 63 4.20 8.45 -11.32
C TRP A 63 4.72 8.02 -9.96
N GLY A 64 6.03 7.76 -9.86
CA GLY A 64 6.60 7.43 -8.57
C GLY A 64 6.45 8.57 -7.57
N LEU A 65 6.57 9.81 -8.05
CA LEU A 65 6.30 10.96 -7.18
C LEU A 65 4.86 10.95 -6.68
N LEU A 66 3.91 10.60 -7.55
CA LEU A 66 2.51 10.60 -7.14
C LEU A 66 2.18 9.47 -6.18
N THR A 67 2.86 8.34 -6.30
CA THR A 67 2.48 7.14 -5.55
C THR A 67 3.25 6.96 -4.25
N GLY A 68 4.18 7.84 -3.90
CA GLY A 68 5.02 7.64 -2.75
C GLY A 68 4.93 8.72 -1.69
N PRO A 69 5.63 9.83 -1.92
CA PRO A 69 5.75 10.87 -0.89
C PRO A 69 4.43 11.54 -0.53
N PRO A 70 3.35 11.44 -1.35
CA PRO A 70 2.05 11.93 -0.87
C PRO A 70 1.52 11.21 0.36
N PHE A 71 2.25 10.23 0.87
CA PHE A 71 1.91 9.61 2.15
C PHE A 71 2.99 9.83 3.20
N ALA A 72 3.98 10.68 2.91
CA ALA A 72 4.72 11.32 3.97
C ALA A 72 3.78 12.18 4.82
N LEU A 73 2.73 12.71 4.22
CA LEU A 73 1.64 13.35 4.95
C LEU A 73 0.67 12.34 5.56
N PHE A 74 0.91 11.04 5.36
CA PHE A 74 0.06 10.03 5.98
C PHE A 74 0.14 10.09 7.49
N TYR A 75 1.33 9.83 8.05
CA TYR A 75 1.49 9.76 9.50
C TYR A 75 2.37 10.84 10.11
N ALA A 76 3.27 11.46 9.33
CA ALA A 76 4.04 12.58 9.87
C ALA A 76 3.11 13.71 10.28
N LEU A 77 2.23 14.13 9.39
CA LEU A 77 1.09 14.95 9.75
C LEU A 77 -0.12 14.05 10.04
N MET A 78 -1.19 14.68 10.53
CA MET A 78 -2.43 13.98 10.85
C MET A 78 -2.20 12.80 11.80
N GLY A 79 -1.63 11.71 11.27
CA GLY A 79 -1.40 10.48 12.01
C GLY A 79 -0.95 10.64 13.45
N ILE A 80 -0.13 11.65 13.73
CA ILE A 80 0.27 11.95 15.10
C ILE A 80 -0.65 13.02 15.69
N PRO A 81 -0.98 14.12 14.99
CA PRO A 81 -2.01 15.03 15.53
C PRO A 81 -3.35 14.37 15.82
N ILE A 82 -3.94 13.71 14.81
CA ILE A 82 -5.26 13.12 15.06
C ILE A 82 -5.19 11.90 15.96
N ALA A 83 -4.01 11.35 16.21
CA ALA A 83 -3.90 10.33 17.25
C ALA A 83 -4.33 10.90 18.61
N MET A 84 -3.77 12.05 18.97
CA MET A 84 -4.24 12.76 20.16
C MET A 84 -5.70 13.17 20.02
N TRP A 85 -6.06 13.73 18.85
CA TRP A 85 -7.45 14.17 18.66
C TRP A 85 -8.45 13.05 18.87
N ALA A 86 -8.09 11.81 18.51
CA ALA A 86 -8.98 10.67 18.68
C ALA A 86 -8.89 10.08 20.08
N ASP A 87 -7.71 10.13 20.69
CA ASP A 87 -7.57 9.68 22.07
C ASP A 87 -8.37 10.57 23.03
N ARG A 88 -8.63 11.83 22.66
CA ARG A 88 -9.32 12.74 23.54
C ARG A 88 -10.75 13.08 23.13
N GLY A 89 -11.23 12.63 21.96
CA GLY A 89 -12.54 13.05 21.50
C GLY A 89 -13.56 11.96 21.27
N ASN A 90 -14.59 12.27 20.48
CA ASN A 90 -15.63 11.32 20.11
C ASN A 90 -15.17 10.57 18.86
N ARG A 91 -15.09 9.25 18.96
CA ARG A 91 -14.42 8.45 17.93
C ARG A 91 -15.31 8.23 16.71
N VAL A 92 -16.50 7.66 16.92
CA VAL A 92 -17.40 7.31 15.80
C VAL A 92 -17.62 8.50 14.88
N PHE A 93 -17.84 9.68 15.46
CA PHE A 93 -17.96 10.89 14.66
C PHE A 93 -16.72 11.14 13.82
N ILE A 94 -15.53 10.90 14.41
CA ILE A 94 -14.28 11.11 13.68
C ILE A 94 -14.20 10.15 12.50
N ILE A 95 -14.55 8.88 12.69
CA ILE A 95 -14.46 7.94 11.58
C ILE A 95 -15.44 8.31 10.48
N SER A 96 -16.69 8.65 10.84
CA SER A 96 -17.64 9.04 9.81
C SER A 96 -17.15 10.25 9.02
N LEU A 97 -16.65 11.27 9.74
CA LEU A 97 -16.11 12.46 9.08
C LEU A 97 -14.96 12.10 8.15
N CYS A 98 -14.02 11.29 8.62
CA CYS A 98 -12.85 11.00 7.81
C CYS A 98 -13.21 10.16 6.59
N VAL A 99 -14.18 9.27 6.70
CA VAL A 99 -14.62 8.53 5.52
C VAL A 99 -15.25 9.48 4.52
N ILE A 100 -16.11 10.41 4.99
CA ILE A 100 -16.53 11.53 4.13
C ILE A 100 -15.33 12.11 3.39
N ILE A 101 -14.28 12.41 4.13
CA ILE A 101 -13.15 13.17 3.60
C ILE A 101 -12.47 12.40 2.47
N TRP A 102 -12.02 11.17 2.76
CA TRP A 102 -11.21 10.52 1.72
C TRP A 102 -12.06 9.97 0.59
N SER A 103 -13.35 9.66 0.83
CA SER A 103 -14.20 9.28 -0.30
C SER A 103 -14.39 10.46 -1.25
N ILE A 104 -14.67 11.64 -0.69
CA ILE A 104 -14.79 12.84 -1.52
C ILE A 104 -13.49 13.10 -2.27
N MET A 105 -12.35 12.91 -1.61
CA MET A 105 -11.08 13.21 -2.27
C MET A 105 -10.78 12.21 -3.39
N THR A 106 -11.16 10.95 -3.23
CA THR A 106 -11.00 10.01 -4.34
C THR A 106 -11.92 10.37 -5.50
N VAL A 107 -13.16 10.77 -5.21
CA VAL A 107 -14.04 11.23 -6.28
C VAL A 107 -13.40 12.40 -7.02
N PHE A 108 -12.77 13.32 -6.28
CA PHE A 108 -12.08 14.43 -6.90
C PHE A 108 -10.90 13.97 -7.75
N CYS A 109 -10.20 12.92 -7.29
CA CYS A 109 -9.17 12.30 -8.12
C CYS A 109 -9.75 11.86 -9.46
N GLY A 110 -10.97 11.34 -9.43
CA GLY A 110 -11.65 10.97 -10.66
C GLY A 110 -11.87 12.16 -11.61
N LEU A 111 -11.99 13.37 -11.06
CA LEU A 111 -12.26 14.55 -11.87
C LEU A 111 -11.17 15.61 -11.73
N ALA A 112 -9.92 15.18 -11.90
CA ALA A 112 -8.76 16.06 -11.81
C ALA A 112 -8.37 16.56 -13.20
N ALA A 113 -8.16 17.87 -13.32
CA ALA A 113 -7.82 18.47 -14.60
C ALA A 113 -6.34 18.32 -14.93
N SER A 114 -5.46 18.57 -13.97
CA SER A 114 -4.02 18.43 -14.16
C SER A 114 -3.46 17.35 -13.25
N PHE A 115 -2.21 17.00 -13.50
CA PHE A 115 -1.52 16.04 -12.64
C PHE A 115 -1.32 16.60 -11.23
N ILE A 116 -1.18 17.92 -11.13
CA ILE A 116 -0.99 18.56 -9.83
C ILE A 116 -2.26 18.46 -8.99
N TRP A 117 -3.42 18.63 -9.62
CA TRP A 117 -4.68 18.44 -8.91
C TRP A 117 -4.80 17.02 -8.38
N LEU A 118 -4.38 16.04 -9.19
CA LEU A 118 -4.36 14.65 -8.75
C LEU A 118 -3.47 14.49 -7.53
N LEU A 119 -2.29 15.11 -7.55
CA LEU A 119 -1.39 15.04 -6.40
C LEU A 119 -2.05 15.61 -5.15
N LEU A 120 -2.69 16.78 -5.29
CA LEU A 120 -3.32 17.41 -4.13
C LEU A 120 -4.45 16.55 -3.57
N PHE A 121 -5.28 15.99 -4.45
CA PHE A 121 -6.36 15.13 -3.99
C PHE A 121 -5.82 13.87 -3.32
N ARG A 122 -4.71 13.33 -3.82
CA ARG A 122 -4.10 12.15 -3.19
C ARG A 122 -3.57 12.49 -1.80
N VAL A 123 -2.94 13.66 -1.66
CA VAL A 123 -2.47 14.08 -0.34
C VAL A 123 -3.65 14.23 0.61
N GLY A 124 -4.77 14.77 0.12
CA GLY A 124 -5.97 14.82 0.94
C GLY A 124 -6.49 13.45 1.34
N VAL A 125 -6.39 12.49 0.42
CA VAL A 125 -6.75 11.11 0.74
C VAL A 125 -5.89 10.59 1.89
N ALA A 126 -4.60 10.89 1.87
CA ALA A 126 -3.73 10.48 2.97
C ALA A 126 -4.13 11.17 4.28
N ILE A 127 -4.40 12.48 4.20
CA ILE A 127 -4.87 13.25 5.35
C ILE A 127 -6.08 12.58 5.99
N GLY A 128 -7.03 12.15 5.16
CA GLY A 128 -8.23 11.48 5.64
C GLY A 128 -7.99 10.09 6.18
N GLU A 129 -7.19 9.28 5.47
CA GLU A 129 -6.95 7.90 5.87
C GLU A 129 -6.12 7.79 7.14
N ALA A 130 -5.36 8.84 7.48
CA ALA A 130 -4.64 8.81 8.75
C ALA A 130 -5.58 8.65 9.94
N GLY A 131 -6.82 9.12 9.82
CA GLY A 131 -7.76 9.10 10.91
C GLY A 131 -8.74 7.95 10.91
N CYS A 132 -8.27 6.75 10.55
CA CYS A 132 -9.11 5.57 10.50
C CYS A 132 -8.79 4.56 11.59
N THR A 133 -7.53 4.17 11.72
CA THR A 133 -7.14 3.08 12.61
C THR A 133 -7.05 3.50 14.08
N PRO A 134 -6.51 4.66 14.44
CA PRO A 134 -6.46 5.04 15.87
C PRO A 134 -7.84 5.06 16.50
N PRO A 135 -8.83 5.77 15.93
CA PRO A 135 -10.13 5.80 16.61
C PRO A 135 -10.84 4.46 16.60
N ALA A 136 -10.71 3.69 15.51
CA ALA A 136 -11.32 2.38 15.45
C ALA A 136 -10.69 1.42 16.46
N ASN A 137 -9.38 1.52 16.65
CA ASN A 137 -8.69 0.73 17.67
C ASN A 137 -9.24 1.05 19.05
N SER A 138 -9.36 2.35 19.37
CA SER A 138 -9.92 2.74 20.66
C SER A 138 -11.34 2.21 20.82
N ILE A 139 -12.16 2.36 19.78
CA ILE A 139 -13.55 1.88 19.82
C ILE A 139 -13.60 0.39 20.09
N ILE A 140 -12.80 -0.38 19.35
CA ILE A 140 -12.87 -1.83 19.47
C ILE A 140 -12.40 -2.27 20.84
N THR A 141 -11.35 -1.63 21.38
CA THR A 141 -10.89 -1.99 22.71
C THR A 141 -11.91 -1.63 23.78
N ASP A 142 -12.69 -0.57 23.57
CA ASP A 142 -13.69 -0.20 24.58
C ASP A 142 -15.03 -0.91 24.41
N TYR A 143 -15.33 -1.43 23.22
CA TYR A 143 -16.58 -2.16 23.02
C TYR A 143 -16.48 -3.57 23.60
N TYR A 144 -15.42 -4.31 23.23
CA TYR A 144 -15.12 -5.70 23.50
C TYR A 144 -14.40 -5.86 24.85
N PRO A 145 -14.63 -6.98 25.52
CA PRO A 145 -13.89 -7.26 26.75
C PRO A 145 -12.56 -7.91 26.44
N PRO A 146 -11.59 -7.85 27.37
CA PRO A 146 -10.26 -8.40 27.09
C PRO A 146 -10.26 -9.88 26.72
N LYS A 147 -11.35 -10.60 26.97
CA LYS A 147 -11.42 -12.00 26.55
C LYS A 147 -11.53 -12.14 25.04
N SER A 148 -11.94 -11.08 24.34
CA SER A 148 -12.21 -11.17 22.91
C SER A 148 -11.56 -10.06 22.09
N ARG A 149 -10.71 -9.22 22.71
CA ARG A 149 -10.13 -8.10 21.97
C ARG A 149 -9.16 -8.57 20.89
N ALA A 150 -8.41 -9.64 21.16
CA ALA A 150 -7.39 -10.10 20.22
C ALA A 150 -8.00 -10.50 18.88
N ASN A 151 -9.02 -11.36 18.92
CA ASN A 151 -9.66 -11.81 17.67
C ASN A 151 -10.33 -10.65 16.96
N ALA A 152 -10.86 -9.68 17.70
CA ALA A 152 -11.46 -8.51 17.08
C ALA A 152 -10.42 -7.72 16.29
N ILE A 153 -9.30 -7.39 16.92
CA ILE A 153 -8.24 -6.67 16.21
C ILE A 153 -7.70 -7.51 15.06
N GLY A 154 -7.73 -8.84 15.20
CA GLY A 154 -7.26 -9.69 14.12
C GLY A 154 -8.15 -9.64 12.89
N ILE A 155 -9.45 -9.78 13.08
CA ILE A 155 -10.35 -9.74 11.93
C ILE A 155 -10.41 -8.33 11.35
N TYR A 156 -10.14 -7.31 12.17
CA TYR A 156 -10.02 -5.96 11.65
C TYR A 156 -8.74 -5.80 10.83
N SER A 157 -7.64 -6.40 11.30
CA SER A 157 -6.38 -6.42 10.57
C SER A 157 -6.48 -7.16 9.24
N MET A 158 -7.40 -8.11 9.14
CA MET A 158 -7.71 -8.66 7.81
C MET A 158 -8.19 -7.60 6.83
N GLY A 159 -8.42 -6.37 7.27
CA GLY A 159 -8.89 -5.34 6.37
C GLY A 159 -7.90 -5.02 5.26
N VAL A 160 -6.62 -4.94 5.62
CA VAL A 160 -5.60 -4.64 4.61
C VAL A 160 -5.53 -5.75 3.56
N THR A 161 -5.56 -7.00 4.02
CA THR A 161 -5.53 -8.13 3.09
C THR A 161 -6.74 -8.12 2.15
N VAL A 162 -7.94 -8.11 2.72
CA VAL A 162 -9.17 -8.07 1.95
C VAL A 162 -9.09 -6.91 0.96
N GLY A 163 -9.07 -5.67 1.48
CA GLY A 163 -9.04 -4.50 0.62
C GLY A 163 -7.94 -4.52 -0.42
N GLY A 164 -6.81 -5.16 -0.11
CA GLY A 164 -5.73 -5.24 -1.08
C GLY A 164 -6.10 -6.07 -2.29
N VAL A 165 -6.64 -7.27 -2.07
CA VAL A 165 -7.05 -8.06 -3.23
C VAL A 165 -8.33 -7.50 -3.86
N MET A 166 -9.20 -6.91 -3.04
CA MET A 166 -10.45 -6.33 -3.52
C MET A 166 -10.19 -5.12 -4.40
N ALA A 167 -9.14 -4.35 -4.12
CA ALA A 167 -8.81 -3.22 -4.97
C ALA A 167 -8.44 -3.69 -6.36
N GLN A 168 -7.57 -4.69 -6.47
CA GLN A 168 -7.24 -5.24 -7.77
C GLN A 168 -8.49 -5.72 -8.49
N LEU A 169 -9.32 -6.53 -7.81
CA LEU A 169 -10.52 -7.05 -8.47
C LEU A 169 -11.45 -5.93 -8.94
N PHE A 170 -11.90 -5.09 -7.99
CA PHE A 170 -12.86 -4.04 -8.32
C PHE A 170 -12.30 -3.07 -9.35
N GLY A 171 -11.04 -2.68 -9.22
CA GLY A 171 -10.48 -1.70 -10.15
C GLY A 171 -10.28 -2.29 -11.53
N GLY A 172 -9.87 -3.56 -11.61
CA GLY A 172 -9.78 -4.21 -12.90
C GLY A 172 -11.13 -4.31 -13.58
N ALA A 173 -12.18 -4.59 -12.79
CA ALA A 173 -13.52 -4.62 -13.37
C ALA A 173 -13.96 -3.24 -13.84
N LEU A 174 -13.80 -2.22 -13.00
CA LEU A 174 -14.26 -0.88 -13.34
C LEU A 174 -13.38 -0.23 -14.41
N ALA A 175 -12.09 -0.52 -14.42
CA ALA A 175 -11.26 -0.12 -15.55
C ALA A 175 -11.68 -0.89 -16.79
N GLY A 176 -11.46 -0.27 -17.95
CA GLY A 176 -11.98 -0.84 -19.16
C GLY A 176 -13.49 -0.72 -19.27
N LEU A 177 -14.06 0.33 -18.69
CA LEU A 177 -15.48 0.62 -18.77
C LEU A 177 -15.63 1.94 -19.54
N GLN A 178 -16.25 1.87 -20.72
CA GLN A 178 -16.41 3.05 -21.55
C GLN A 178 -17.20 4.12 -20.81
N GLY A 179 -16.73 5.36 -20.90
CA GLY A 179 -17.47 6.46 -20.30
C GLY A 179 -18.87 6.60 -20.86
N ALA A 180 -19.07 6.22 -22.13
CA ALA A 180 -20.41 6.24 -22.71
C ALA A 180 -21.35 5.34 -21.94
N ASP A 181 -20.86 4.16 -21.51
CA ASP A 181 -21.70 3.25 -20.74
C ASP A 181 -22.13 3.87 -19.42
N PHE A 182 -21.21 4.53 -18.73
CA PHE A 182 -21.55 5.13 -17.44
C PHE A 182 -22.48 6.32 -17.61
N GLY A 183 -22.25 7.15 -18.64
CA GLY A 183 -23.18 8.22 -18.93
C GLY A 183 -24.58 7.72 -19.23
N ASN A 184 -24.68 6.63 -20.01
CA ASN A 184 -25.98 6.06 -20.31
C ASN A 184 -26.66 5.50 -19.07
N PHE A 185 -25.89 4.80 -18.22
CA PHE A 185 -26.48 4.25 -17.00
C PHE A 185 -26.92 5.37 -16.05
N LEU A 186 -26.19 6.48 -16.02
CA LEU A 186 -26.62 7.60 -15.20
C LEU A 186 -27.87 8.24 -15.77
N SER A 187 -27.97 8.35 -17.10
CA SER A 187 -29.15 8.93 -17.72
C SER A 187 -30.35 7.99 -17.65
N SER A 188 -30.13 6.70 -17.39
CA SER A 188 -31.23 5.73 -17.41
C SER A 188 -31.89 5.54 -16.05
N ILE A 189 -31.22 5.89 -14.96
CA ILE A 189 -31.81 5.77 -13.63
C ILE A 189 -32.37 7.10 -13.12
N GLY A 190 -32.54 8.08 -14.01
CA GLY A 190 -33.12 9.35 -13.64
C GLY A 190 -32.15 10.43 -13.27
N LEU A 191 -30.85 10.22 -13.49
CA LEU A 191 -29.84 11.22 -13.15
C LEU A 191 -29.32 11.90 -14.40
N GLY A 192 -30.25 12.34 -15.24
CA GLY A 192 -29.92 13.03 -16.47
C GLY A 192 -29.40 14.44 -16.23
N TRP A 193 -29.07 14.76 -14.98
CA TRP A 193 -28.47 16.03 -14.62
C TRP A 193 -26.95 16.02 -14.78
N LEU A 194 -26.42 15.01 -15.48
CA LEU A 194 -25.04 15.01 -15.97
C LEU A 194 -24.94 14.62 -17.44
N PHE A 195 -26.00 14.03 -18.02
CA PHE A 195 -25.98 13.64 -19.42
C PHE A 195 -25.89 14.85 -20.35
N SER A 196 -26.17 16.05 -19.85
CA SER A 196 -26.04 17.27 -20.63
C SER A 196 -24.76 18.03 -20.30
N GLY A 197 -24.01 17.61 -19.28
CA GLY A 197 -22.86 18.36 -18.81
C GLY A 197 -21.59 18.14 -19.60
N ILE A 198 -21.17 16.87 -19.76
CA ILE A 198 -19.91 16.54 -20.39
C ILE A 198 -20.11 15.37 -21.34
N ASN A 199 -19.21 15.28 -22.33
CA ASN A 199 -19.24 14.19 -23.29
C ASN A 199 -18.61 12.95 -22.67
N TRP A 200 -19.40 11.88 -22.53
CA TRP A 200 -18.92 10.67 -21.87
C TRP A 200 -18.02 9.83 -22.75
N GLU A 201 -18.04 10.04 -24.06
CA GLU A 201 -17.08 9.36 -24.93
C GLU A 201 -15.65 9.83 -24.67
N GLU A 202 -15.47 10.99 -24.04
CA GLU A 202 -14.16 11.56 -23.82
C GLU A 202 -13.63 11.38 -22.41
N VAL A 203 -14.43 10.84 -21.49
CA VAL A 203 -13.95 10.53 -20.15
C VAL A 203 -13.36 9.14 -20.15
N GLU A 204 -12.25 8.98 -19.43
CA GLU A 204 -11.49 7.74 -19.41
C GLU A 204 -12.00 6.83 -18.30
N GLY A 205 -11.55 5.57 -18.35
CA GLY A 205 -12.10 4.57 -17.45
C GLY A 205 -11.66 4.78 -16.01
N TRP A 206 -10.43 5.26 -15.83
CA TRP A 206 -9.91 5.43 -14.48
C TRP A 206 -10.66 6.51 -13.71
N ARG A 207 -11.20 7.51 -14.42
CA ARG A 207 -12.08 8.49 -13.78
C ARG A 207 -13.27 7.79 -13.14
N LEU A 208 -13.94 6.93 -13.92
CA LEU A 208 -15.04 6.13 -13.40
C LEU A 208 -14.58 5.26 -12.23
N VAL A 209 -13.39 4.66 -12.34
CA VAL A 209 -12.86 3.85 -11.25
C VAL A 209 -12.85 4.67 -9.96
N PHE A 210 -12.18 5.83 -10.00
CA PHE A 210 -12.07 6.67 -8.81
C PHE A 210 -13.44 7.06 -8.27
N VAL A 211 -14.32 7.57 -9.13
CA VAL A 211 -15.57 8.14 -8.62
C VAL A 211 -16.49 7.04 -8.08
N ILE A 212 -16.58 5.91 -8.78
CA ILE A 212 -17.47 4.83 -8.33
C ILE A 212 -16.89 4.15 -7.09
N VAL A 213 -15.56 4.17 -6.92
CA VAL A 213 -14.99 3.57 -5.72
C VAL A 213 -15.18 4.50 -4.52
N GLY A 214 -15.06 5.80 -4.72
CA GLY A 214 -15.23 6.77 -3.65
C GLY A 214 -16.66 7.01 -3.21
N ALA A 215 -17.59 7.10 -4.15
CA ALA A 215 -18.95 7.52 -3.82
C ALA A 215 -19.67 6.70 -2.76
N PRO A 216 -19.48 5.37 -2.63
CA PRO A 216 -20.13 4.66 -1.52
C PRO A 216 -19.72 5.15 -0.14
N GLY A 217 -18.56 5.79 -0.01
CA GLY A 217 -18.03 6.06 1.32
C GLY A 217 -18.82 7.12 2.07
N ILE A 218 -19.36 8.10 1.35
CA ILE A 218 -20.14 9.15 2.02
C ILE A 218 -21.31 8.52 2.78
N LEU A 219 -22.10 7.70 2.09
CA LEU A 219 -23.26 7.08 2.72
C LEU A 219 -22.86 6.00 3.72
N VAL A 220 -21.74 5.30 3.47
CA VAL A 220 -21.27 4.31 4.44
C VAL A 220 -20.91 4.98 5.75
N ALA A 221 -20.25 6.14 5.68
CA ALA A 221 -19.90 6.86 6.89
C ALA A 221 -21.14 7.45 7.56
N LEU A 222 -22.13 7.87 6.77
CA LEU A 222 -23.40 8.30 7.34
C LEU A 222 -24.03 7.18 8.16
N ILE A 223 -24.22 6.00 7.56
CA ILE A 223 -24.86 4.91 8.29
C ILE A 223 -24.01 4.48 9.47
N LEU A 224 -22.69 4.65 9.39
CA LEU A 224 -21.85 4.45 10.57
C LEU A 224 -22.24 5.43 11.68
N TRP A 225 -22.35 6.71 11.34
CA TRP A 225 -22.73 7.73 12.31
C TRP A 225 -24.10 7.44 12.92
N LEU A 226 -24.99 6.80 12.15
CA LEU A 226 -26.35 6.56 12.64
C LEU A 226 -26.44 5.29 13.49
N THR A 227 -25.73 4.22 13.11
CA THR A 227 -26.01 2.90 13.68
C THR A 227 -25.01 2.47 14.74
N THR A 228 -23.96 3.24 15.01
CA THR A 228 -22.97 2.86 16.02
C THR A 228 -22.88 3.98 17.06
N ARG A 229 -23.32 3.67 18.28
CA ARG A 229 -23.22 4.61 19.39
C ARG A 229 -21.82 4.55 19.99
N GLU A 230 -21.29 5.71 20.36
CA GLU A 230 -19.96 5.77 20.95
C GLU A 230 -19.97 5.09 22.32
N PRO A 231 -19.05 4.17 22.58
CA PRO A 231 -19.02 3.49 23.87
C PRO A 231 -18.40 4.38 24.93
N PRO A 232 -18.76 4.19 26.21
CA PRO A 232 -18.07 4.92 27.27
C PRO A 232 -16.60 4.53 27.32
N ARG A 233 -15.73 5.54 27.26
CA ARG A 233 -14.30 5.31 27.27
C ARG A 233 -13.86 4.62 28.56
N GLY A 234 -13.38 3.38 28.44
CA GLY A 234 -12.95 2.65 29.60
C GLY A 234 -13.89 1.52 29.98
N TYR A 235 -13.77 0.39 29.29
CA TYR A 235 -14.55 -0.80 29.60
C TYR A 235 -13.60 -2.00 29.65
N SER A 236 -12.59 -1.94 30.51
CA SER A 236 -11.50 -2.91 30.52
C SER A 236 -11.52 -3.68 31.85
N ASP A 237 -10.41 -3.74 32.57
CA ASP A 237 -10.18 -4.61 33.72
C ASP A 237 -10.41 -3.86 35.03
N PRO A 238 -10.93 -4.57 36.06
CA PRO A 238 -11.32 -3.88 37.31
C PRO A 238 -10.14 -3.43 38.17
N LYS A 239 -9.45 -4.38 38.78
CA LYS A 239 -8.40 -4.08 39.76
C LYS A 239 -7.17 -3.57 39.03
N GLY A 240 -6.95 -2.26 39.08
CA GLY A 240 -5.85 -1.66 38.33
C GLY A 240 -4.82 -0.94 39.16
N LYS A 241 -3.56 -1.37 39.05
CA LYS A 241 -2.47 -0.67 39.70
C LYS A 241 -2.32 0.73 39.12
N THR A 242 -1.98 1.69 39.98
CA THR A 242 -1.59 3.02 39.53
C THR A 242 -0.21 2.91 38.88
N PRO A 243 -0.11 2.89 37.55
CA PRO A 243 1.17 2.62 36.91
C PRO A 243 2.19 3.75 37.06
N LEU A 244 1.77 4.92 37.54
CA LEU A 244 2.65 6.04 37.86
C LEU A 244 3.29 6.64 36.61
N GLU A 245 3.60 5.80 35.62
CA GLU A 245 4.13 6.26 34.34
C GLU A 245 3.19 5.95 33.19
N LYS A 246 1.90 5.74 33.48
CA LYS A 246 0.83 5.45 32.52
C LYS A 246 1.30 4.64 31.33
N ALA A 247 1.41 3.32 31.51
CA ALA A 247 1.95 2.41 30.50
C ALA A 247 3.34 2.87 30.08
N GLY A 248 3.43 3.55 28.95
CA GLY A 248 4.70 4.04 28.47
C GLY A 248 4.53 5.01 27.32
N PHE A 249 5.20 6.16 27.38
CA PHE A 249 5.03 7.21 26.39
C PHE A 249 6.40 7.52 25.78
N PHE A 250 7.07 8.57 26.25
CA PHE A 250 8.38 8.92 25.74
C PHE A 250 9.46 7.97 26.25
N GLU A 251 9.38 7.57 27.52
CA GLU A 251 10.41 6.72 28.10
C GLU A 251 10.31 5.28 27.60
N ALA A 252 9.11 4.82 27.22
CA ALA A 252 8.98 3.53 26.56
C ALA A 252 9.76 3.48 25.25
N PHE A 253 9.98 4.64 24.62
CA PHE A 253 10.85 4.69 23.44
C PHE A 253 12.28 4.34 23.80
N ARG A 254 12.76 4.79 24.96
CA ARG A 254 14.15 4.60 25.34
C ARG A 254 14.51 3.15 25.63
N GLU A 255 13.53 2.24 25.68
CA GLU A 255 13.86 0.83 25.85
C GLU A 255 14.42 0.25 24.55
N PHE A 256 13.70 0.42 23.44
CA PHE A 256 14.19 -0.05 22.16
C PHE A 256 15.14 0.94 21.51
N GLY A 257 14.96 2.24 21.76
CA GLY A 257 15.80 3.25 21.18
C GLY A 257 17.28 3.07 21.49
N ALA A 258 17.59 2.37 22.58
CA ALA A 258 18.98 2.05 22.88
C ALA A 258 19.46 0.84 22.10
N LYS A 259 18.55 -0.05 21.70
CA LYS A 259 18.92 -1.32 21.10
C LYS A 259 19.23 -1.14 19.62
N PRO A 260 20.43 -1.48 19.15
CA PRO A 260 20.74 -1.33 17.71
C PRO A 260 20.04 -2.35 16.82
N THR A 261 19.69 -3.54 17.35
CA THR A 261 18.96 -4.52 16.56
C THR A 261 17.64 -3.92 16.08
N PHE A 262 17.03 -3.04 16.88
CA PHE A 262 15.80 -2.39 16.45
C PHE A 262 16.01 -1.60 15.17
N TRP A 263 17.08 -0.81 15.11
CA TRP A 263 17.31 0.01 13.92
C TRP A 263 17.73 -0.84 12.73
N SER A 264 18.51 -1.90 12.97
CA SER A 264 18.85 -2.80 11.88
C SER A 264 17.59 -3.45 11.30
N LEU A 265 16.71 -3.96 12.16
CA LEU A 265 15.44 -4.53 11.72
C LEU A 265 14.60 -3.49 10.99
N SER A 266 14.51 -2.27 11.52
CA SER A 266 13.67 -1.25 10.91
C SER A 266 14.18 -0.86 9.54
N LEU A 267 15.51 -0.75 9.37
CA LEU A 267 16.05 -0.38 8.08
C LEU A 267 15.91 -1.51 7.07
N GLY A 268 16.15 -2.76 7.51
CA GLY A 268 15.93 -3.88 6.62
C GLY A 268 14.49 -4.01 6.16
N ALA A 269 13.54 -3.89 7.10
CA ALA A 269 12.13 -3.94 6.74
C ALA A 269 11.74 -2.75 5.88
N ALA A 270 12.32 -1.59 6.13
CA ALA A 270 12.04 -0.41 5.32
C ALA A 270 12.53 -0.59 3.89
N PHE A 271 13.64 -1.31 3.70
CA PHE A 271 14.09 -1.54 2.33
C PHE A 271 13.32 -2.66 1.64
N VAL A 272 12.91 -3.70 2.40
CA VAL A 272 11.96 -4.67 1.86
C VAL A 272 10.71 -3.95 1.35
N ALA A 273 10.14 -3.07 2.17
CA ALA A 273 8.96 -2.31 1.77
C ALA A 273 9.29 -1.30 0.68
N PHE A 274 10.53 -0.82 0.64
CA PHE A 274 10.96 0.07 -0.44
C PHE A 274 10.83 -0.64 -1.78
N VAL A 275 11.40 -1.84 -1.88
CA VAL A 275 11.28 -2.63 -3.10
C VAL A 275 9.81 -2.94 -3.39
N GLY A 276 9.07 -3.33 -2.36
CA GLY A 276 7.66 -3.69 -2.56
C GLY A 276 6.85 -2.54 -3.12
N TYR A 277 6.93 -1.37 -2.50
CA TYR A 277 6.18 -0.20 -2.93
C TYR A 277 6.64 0.30 -4.29
N GLY A 278 7.94 0.19 -4.57
CA GLY A 278 8.42 0.56 -5.89
C GLY A 278 7.91 -0.35 -6.98
N LEU A 279 7.80 -1.65 -6.69
CA LEU A 279 7.32 -2.59 -7.70
C LEU A 279 5.82 -2.48 -7.91
N ILE A 280 5.05 -2.41 -6.83
CA ILE A 280 3.59 -2.34 -6.97
C ILE A 280 3.19 -1.04 -7.68
N SER A 281 4.03 -0.01 -7.57
CA SER A 281 3.75 1.25 -8.25
C SER A 281 3.87 1.14 -9.76
N PHE A 282 4.61 0.13 -10.26
CA PHE A 282 4.83 0.04 -11.70
C PHE A 282 4.68 -1.38 -12.24
N GLN A 283 4.03 -2.28 -11.49
CA GLN A 283 3.91 -3.66 -11.98
C GLN A 283 2.85 -3.77 -13.07
N ALA A 284 1.76 -3.01 -12.97
CA ALA A 284 0.79 -2.98 -14.06
C ALA A 284 1.35 -2.30 -15.30
N PRO A 285 2.02 -1.14 -15.21
CA PRO A 285 2.70 -0.62 -16.41
C PRO A 285 3.68 -1.59 -17.00
N PHE A 286 4.45 -2.31 -16.18
CA PHE A 286 5.37 -3.32 -16.72
C PHE A 286 4.61 -4.41 -17.47
N LEU A 287 3.56 -4.96 -16.83
CA LEU A 287 2.81 -6.05 -17.43
C LEU A 287 2.19 -5.65 -18.76
N MET A 288 1.76 -4.39 -18.91
CA MET A 288 1.14 -4.00 -20.17
C MET A 288 2.12 -3.40 -21.18
N ARG A 289 3.29 -2.94 -20.74
CA ARG A 289 4.29 -2.46 -21.68
C ARG A 289 5.10 -3.60 -22.27
N VAL A 290 5.31 -4.67 -21.51
CA VAL A 290 6.10 -5.80 -21.97
C VAL A 290 5.20 -6.88 -22.55
N HIS A 291 4.25 -7.35 -21.75
CA HIS A 291 3.40 -8.48 -22.14
C HIS A 291 2.05 -8.04 -22.70
N GLY A 292 1.77 -6.74 -22.72
CA GLY A 292 0.59 -6.25 -23.41
C GLY A 292 -0.74 -6.68 -22.83
N VAL A 293 -0.77 -7.11 -21.57
CA VAL A 293 -2.05 -7.41 -20.94
C VAL A 293 -2.85 -6.13 -20.77
N SER A 294 -4.16 -6.25 -20.86
CA SER A 294 -5.01 -5.09 -20.62
C SER A 294 -4.92 -4.65 -19.16
N VAL A 295 -5.38 -3.42 -18.90
CA VAL A 295 -5.43 -2.92 -17.53
C VAL A 295 -6.19 -3.90 -16.65
N SER A 296 -7.38 -4.30 -17.11
CA SER A 296 -8.23 -5.20 -16.35
C SER A 296 -7.54 -6.54 -16.10
N GLU A 297 -7.01 -7.16 -17.15
CA GLU A 297 -6.41 -8.49 -16.99
C GLU A 297 -5.12 -8.42 -16.20
N ALA A 298 -4.40 -7.29 -16.26
CA ALA A 298 -3.23 -7.12 -15.42
C ALA A 298 -3.64 -7.03 -13.95
N ALA A 299 -4.73 -6.33 -13.66
CA ALA A 299 -5.15 -6.18 -12.26
C ALA A 299 -5.83 -7.43 -11.72
N ILE A 300 -6.45 -8.23 -12.58
CA ILE A 300 -7.32 -9.32 -12.13
C ILE A 300 -6.56 -10.65 -12.18
N ARG A 301 -6.07 -11.02 -13.37
CA ARG A 301 -5.37 -12.28 -13.52
C ARG A 301 -4.00 -12.29 -12.84
N TYR A 302 -3.48 -11.14 -12.45
CA TYR A 302 -2.15 -11.07 -11.87
C TYR A 302 -2.10 -10.25 -10.59
N GLY A 303 -2.82 -9.14 -10.52
CA GLY A 303 -2.77 -8.27 -9.37
C GLY A 303 -3.33 -8.88 -8.10
N ALA A 304 -4.60 -9.25 -8.10
CA ALA A 304 -5.18 -9.86 -6.91
C ALA A 304 -4.50 -11.16 -6.51
N PRO A 305 -4.13 -12.07 -7.43
CA PRO A 305 -3.40 -13.27 -6.97
C PRO A 305 -2.07 -12.94 -6.32
N LEU A 306 -1.32 -12.00 -6.89
CA LEU A 306 -0.04 -11.63 -6.27
C LEU A 306 -0.23 -10.92 -4.95
N ALA A 307 -1.33 -10.16 -4.80
CA ALA A 307 -1.60 -9.52 -3.51
C ALA A 307 -1.92 -10.57 -2.45
N ALA A 308 -2.73 -11.56 -2.82
CA ALA A 308 -3.03 -12.65 -1.89
C ALA A 308 -1.78 -13.45 -1.57
N VAL A 309 -0.90 -13.63 -2.56
CA VAL A 309 0.34 -14.37 -2.36
C VAL A 309 1.28 -13.60 -1.44
N ALA A 310 1.34 -12.28 -1.58
CA ALA A 310 2.18 -11.47 -0.71
C ALA A 310 1.64 -11.44 0.71
N ALA A 311 0.32 -11.37 0.88
CA ALA A 311 -0.26 -11.42 2.22
C ALA A 311 -0.03 -12.79 2.86
N PHE A 312 -0.15 -13.86 2.07
CA PHE A 312 0.15 -15.19 2.57
C PHE A 312 1.61 -15.31 2.97
N GLY A 313 2.52 -14.76 2.17
CA GLY A 313 3.93 -14.76 2.53
C GLY A 313 4.22 -13.96 3.78
N THR A 314 3.54 -12.83 3.97
CA THR A 314 3.73 -12.01 5.17
C THR A 314 3.25 -12.75 6.41
N PHE A 315 2.02 -13.27 6.38
CA PHE A 315 1.53 -14.05 7.51
C PHE A 315 2.37 -15.31 7.70
N LEU A 316 2.92 -15.87 6.62
CA LEU A 316 3.75 -17.07 6.72
C LEU A 316 5.08 -16.74 7.38
N GLY A 317 5.67 -15.60 7.03
CA GLY A 317 6.88 -15.17 7.71
C GLY A 317 6.64 -14.89 9.17
N GLY A 318 5.55 -14.17 9.48
CA GLY A 318 5.20 -13.93 10.87
C GLY A 318 5.06 -15.23 11.66
N PHE A 319 4.31 -16.19 11.09
CA PHE A 319 4.16 -17.50 11.71
C PHE A 319 5.53 -18.17 11.86
N LEU A 320 6.13 -18.60 10.74
CA LEU A 320 7.41 -19.29 10.73
C LEU A 320 8.42 -18.69 11.70
N SER A 321 8.44 -17.36 11.83
CA SER A 321 9.21 -16.76 12.90
C SER A 321 8.62 -17.19 14.24
N GLU A 322 7.47 -16.65 14.61
CA GLU A 322 6.83 -16.90 15.91
C GLU A 322 6.94 -18.35 16.39
N LYS A 323 6.88 -19.30 15.46
CA LYS A 323 6.85 -20.73 15.78
C LYS A 323 8.24 -21.34 15.93
N PHE A 324 9.29 -20.52 16.04
CA PHE A 324 10.64 -21.01 16.29
C PHE A 324 11.59 -19.85 16.59
N THR A 325 11.03 -18.70 16.91
CA THR A 325 11.75 -17.51 17.32
C THR A 325 12.09 -17.59 18.82
N PRO A 326 11.19 -18.08 19.67
CA PRO A 326 11.60 -18.33 21.06
C PRO A 326 12.81 -19.25 21.19
N ARG A 327 12.92 -20.26 20.30
CA ARG A 327 13.98 -21.25 20.46
C ARG A 327 15.35 -20.65 20.17
N PHE A 328 15.46 -19.78 19.18
CA PHE A 328 16.73 -19.18 18.82
C PHE A 328 16.45 -17.93 17.97
N PRO A 329 17.46 -17.02 17.78
CA PRO A 329 17.14 -15.65 17.37
C PRO A 329 16.61 -15.46 15.96
N ALA A 330 16.91 -14.29 15.36
CA ALA A 330 16.47 -13.91 14.03
C ALA A 330 16.58 -15.09 13.06
N ILE A 331 15.51 -15.86 12.97
CA ILE A 331 15.60 -17.21 12.44
C ILE A 331 15.83 -17.19 10.93
N VAL A 332 16.63 -18.14 10.45
CA VAL A 332 16.99 -18.29 9.05
C VAL A 332 17.83 -19.56 8.96
N ALA A 333 18.29 -19.91 7.77
CA ALA A 333 19.24 -21.00 7.60
C ALA A 333 20.66 -20.48 7.80
N TRP A 334 21.48 -21.27 8.48
CA TRP A 334 22.86 -20.90 8.84
C TRP A 334 22.79 -19.61 9.67
N LEU A 335 23.40 -18.52 9.23
CA LEU A 335 23.32 -17.27 9.99
C LEU A 335 22.88 -16.06 9.18
N PRO A 336 23.19 -15.95 7.88
CA PRO A 336 22.68 -14.79 7.13
C PRO A 336 21.26 -15.01 6.62
N GLY A 337 20.53 -13.91 6.54
CA GLY A 337 19.18 -13.92 6.00
C GLY A 337 19.18 -13.92 4.49
N VAL A 338 19.56 -15.04 3.88
CA VAL A 338 19.73 -15.12 2.43
C VAL A 338 18.46 -15.58 1.70
N GLY A 339 17.34 -15.69 2.39
CA GLY A 339 16.09 -15.91 1.67
C GLY A 339 15.73 -14.72 0.80
N LEU A 340 16.05 -13.52 1.25
CA LEU A 340 15.94 -12.34 0.40
C LEU A 340 16.85 -12.45 -0.81
N LEU A 341 18.09 -12.90 -0.59
CA LEU A 341 19.03 -13.11 -1.66
C LEU A 341 18.58 -14.19 -2.62
N ILE A 342 17.69 -15.08 -2.17
CA ILE A 342 17.08 -16.06 -3.07
C ILE A 342 15.88 -15.44 -3.80
N ALA A 343 15.16 -14.53 -3.14
CA ALA A 343 14.07 -13.84 -3.80
C ALA A 343 14.57 -12.95 -4.93
N ILE A 344 15.82 -12.47 -4.84
CA ILE A 344 16.35 -11.61 -5.91
C ILE A 344 16.38 -12.31 -7.25
N PRO A 345 17.01 -13.48 -7.44
CA PRO A 345 17.05 -14.10 -8.77
C PRO A 345 15.67 -14.45 -9.30
N ALA A 346 14.73 -14.82 -8.43
CA ALA A 346 13.37 -15.10 -8.88
C ALA A 346 12.72 -13.84 -9.48
N TYR A 347 12.92 -12.69 -8.85
CA TYR A 347 12.39 -11.44 -9.38
C TYR A 347 13.02 -11.11 -10.72
N ILE A 348 14.35 -11.21 -10.80
CA ILE A 348 15.05 -10.90 -12.05
C ILE A 348 14.60 -11.84 -13.16
N ALA A 349 14.40 -13.12 -12.84
CA ALA A 349 13.92 -14.08 -13.82
C ALA A 349 12.50 -13.75 -14.26
N ALA A 350 11.64 -13.37 -13.32
CA ALA A 350 10.28 -12.98 -13.69
C ALA A 350 10.28 -11.79 -14.64
N PHE A 351 11.21 -10.85 -14.44
CA PHE A 351 11.22 -9.68 -15.33
C PHE A 351 11.86 -9.99 -16.69
N LEU A 352 12.90 -10.81 -16.72
CA LEU A 352 13.60 -11.02 -17.98
C LEU A 352 12.96 -12.10 -18.86
N THR A 353 11.84 -12.68 -18.46
CA THR A 353 11.26 -13.78 -19.23
C THR A 353 10.31 -13.24 -20.31
N PRO A 354 10.34 -13.82 -21.51
CA PRO A 354 9.29 -13.51 -22.50
C PRO A 354 8.00 -14.27 -22.25
N SER A 355 8.03 -15.35 -21.47
CA SER A 355 6.84 -16.13 -21.17
C SER A 355 6.09 -15.49 -19.99
N LEU A 356 4.80 -15.23 -20.18
CA LEU A 356 4.04 -14.49 -19.19
C LEU A 356 3.61 -15.38 -18.02
N THR A 357 3.25 -16.64 -18.30
CA THR A 357 2.88 -17.55 -17.24
C THR A 357 4.10 -17.95 -16.41
N MET A 358 5.23 -18.21 -17.08
CA MET A 358 6.49 -18.42 -16.38
C MET A 358 6.79 -17.26 -15.45
N ALA A 359 6.64 -16.03 -15.96
CA ALA A 359 6.88 -14.84 -15.15
C ALA A 359 5.93 -14.78 -13.97
N PHE A 360 4.66 -15.15 -14.17
CA PHE A 360 3.69 -15.11 -13.09
C PHE A 360 4.07 -16.08 -11.97
N TRP A 361 4.47 -17.29 -12.32
CA TRP A 361 4.77 -18.26 -11.27
C TRP A 361 6.10 -17.94 -10.58
N MET A 362 7.11 -17.53 -11.35
CA MET A 362 8.33 -17.01 -10.74
C MET A 362 8.02 -15.86 -9.79
N TRP A 363 7.03 -15.02 -10.16
CA TRP A 363 6.65 -13.87 -9.36
C TRP A 363 6.00 -14.29 -8.05
N VAL A 364 5.11 -15.29 -8.09
CA VAL A 364 4.48 -15.71 -6.84
C VAL A 364 5.53 -16.34 -5.92
N ILE A 365 6.49 -17.07 -6.49
CA ILE A 365 7.59 -17.60 -5.68
C ILE A 365 8.34 -16.46 -5.00
N ALA A 366 8.78 -15.48 -5.80
CA ALA A 366 9.52 -14.35 -5.26
C ALA A 366 8.71 -13.57 -4.25
N ALA A 367 7.39 -13.49 -4.43
CA ALA A 367 6.55 -12.71 -3.52
C ALA A 367 6.44 -13.38 -2.16
N ILE A 368 6.17 -14.69 -2.15
CA ILE A 368 6.22 -15.43 -0.88
C ILE A 368 7.56 -15.17 -0.20
N ALA A 369 8.66 -15.42 -0.91
CA ALA A 369 9.98 -15.31 -0.29
C ALA A 369 10.30 -13.88 0.14
N HIS A 370 9.70 -12.88 -0.51
CA HIS A 370 10.04 -11.49 -0.24
C HIS A 370 9.26 -10.94 0.95
N TYR A 371 7.99 -11.30 1.07
CA TYR A 371 7.19 -10.80 2.17
C TYR A 371 7.35 -11.63 3.44
N ALA A 372 7.88 -12.86 3.31
CA ALA A 372 8.20 -13.65 4.49
C ALA A 372 9.12 -12.88 5.43
N TYR A 373 10.13 -12.19 4.90
CA TYR A 373 11.07 -11.50 5.78
C TYR A 373 10.46 -10.25 6.40
N LEU A 374 9.51 -9.61 5.72
CA LEU A 374 8.75 -8.54 6.37
C LEU A 374 8.04 -9.07 7.60
N GLY A 375 7.26 -10.14 7.43
CA GLY A 375 6.60 -10.75 8.57
C GLY A 375 7.57 -11.18 9.66
N ALA A 376 8.70 -11.75 9.24
CA ALA A 376 9.76 -12.15 10.16
C ALA A 376 10.20 -10.97 11.01
N GLN A 377 10.82 -9.97 10.38
CA GLN A 377 11.32 -8.79 11.09
C GLN A 377 10.25 -8.19 12.00
N TYR A 378 8.98 -8.18 11.53
CA TYR A 378 7.86 -7.77 12.38
C TYR A 378 7.87 -8.51 13.71
N THR A 379 7.79 -9.84 13.66
CA THR A 379 7.70 -10.61 14.90
C THR A 379 9.04 -10.75 15.64
N VAL A 380 10.17 -10.61 14.94
CA VAL A 380 11.46 -10.58 15.61
C VAL A 380 11.58 -9.30 16.42
N SER A 381 10.97 -8.22 15.94
CA SER A 381 10.89 -7.00 16.73
C SER A 381 9.89 -7.12 17.86
N THR A 382 8.85 -7.93 17.69
CA THR A 382 7.89 -8.06 18.80
C THR A 382 8.53 -8.75 20.01
N ALA A 383 9.58 -9.54 19.79
CA ALA A 383 10.22 -10.25 20.89
C ALA A 383 11.63 -9.73 21.14
N ILE A 384 11.74 -8.42 21.38
CA ILE A 384 13.03 -7.79 21.66
C ILE A 384 12.80 -6.70 22.69
N VAL A 385 11.55 -6.56 23.13
CA VAL A 385 11.14 -5.46 23.99
C VAL A 385 10.08 -5.97 24.95
N SER A 386 10.07 -5.40 26.16
CA SER A 386 9.08 -5.79 27.15
C SER A 386 7.67 -5.47 26.66
N PRO A 387 6.68 -6.31 27.00
CA PRO A 387 5.30 -6.02 26.60
C PRO A 387 4.74 -4.72 27.16
N ARG A 388 5.38 -4.11 28.15
CA ARG A 388 4.97 -2.79 28.60
C ARG A 388 5.06 -1.76 27.49
N SER A 389 5.88 -2.03 26.47
CA SER A 389 6.14 -1.05 25.42
C SER A 389 6.12 -1.61 24.01
N ARG A 390 6.11 -2.94 23.83
CA ARG A 390 6.20 -3.54 22.49
C ARG A 390 5.16 -2.99 21.52
N ALA A 391 3.97 -2.65 22.03
CA ALA A 391 2.94 -2.02 21.20
C ALA A 391 3.45 -0.72 20.59
N THR A 392 4.17 0.09 21.37
CA THR A 392 4.70 1.35 20.87
C THR A 392 5.93 1.15 20.00
N THR A 393 6.60 0.01 20.10
CA THR A 393 7.78 -0.23 19.28
C THR A 393 7.39 -0.67 17.87
N VAL A 394 6.45 -1.61 17.76
CA VAL A 394 6.02 -2.06 16.44
C VAL A 394 5.42 -0.90 15.64
N SER A 395 4.82 0.07 16.32
CA SER A 395 4.21 1.21 15.64
C SER A 395 5.25 2.09 14.96
N VAL A 396 6.31 2.45 15.69
CA VAL A 396 7.35 3.28 15.09
C VAL A 396 8.14 2.47 14.06
N LEU A 397 8.22 1.15 14.24
CA LEU A 397 8.74 0.29 13.17
C LEU A 397 7.95 0.50 11.88
N LEU A 398 6.63 0.38 11.97
CA LEU A 398 5.79 0.58 10.80
C LEU A 398 5.87 1.99 10.26
N LEU A 399 6.11 2.98 11.12
CA LEU A 399 6.22 4.36 10.63
C LEU A 399 7.49 4.56 9.83
N ILE A 400 8.63 4.04 10.33
CA ILE A 400 9.86 4.10 9.56
C ILE A 400 9.69 3.37 8.23
N VAL A 401 9.08 2.18 8.27
CA VAL A 401 8.83 1.42 7.06
C VAL A 401 8.01 2.25 6.08
N SER A 402 6.89 2.80 6.55
CA SER A 402 6.02 3.62 5.70
C SER A 402 6.80 4.75 5.06
N LEU A 403 7.37 5.64 5.88
CA LEU A 403 8.15 6.76 5.35
C LEU A 403 9.17 6.29 4.32
N ILE A 404 10.23 5.60 4.77
CA ILE A 404 11.30 5.23 3.84
C ILE A 404 10.74 4.48 2.65
N GLY A 405 10.21 3.27 2.88
CA GLY A 405 9.76 2.45 1.78
C GLY A 405 8.72 3.10 0.88
N ASN A 406 7.57 3.48 1.43
CA ASN A 406 6.50 4.01 0.59
C ASN A 406 6.95 5.28 -0.13
N GLY A 407 7.57 6.22 0.59
CA GLY A 407 7.90 7.49 -0.02
C GLY A 407 9.06 7.44 -0.99
N LEU A 408 9.93 6.43 -0.89
CA LEU A 408 11.14 6.40 -1.72
C LEU A 408 11.18 5.27 -2.74
N GLY A 409 10.37 4.23 -2.58
CA GLY A 409 10.37 3.11 -3.48
C GLY A 409 9.81 3.44 -4.85
N PRO A 410 8.55 3.91 -4.89
CA PRO A 410 8.01 4.41 -6.16
C PRO A 410 8.87 5.50 -6.79
N MET A 411 9.46 6.39 -5.99
CA MET A 411 10.34 7.41 -6.56
C MET A 411 11.55 6.78 -7.24
N PHE A 412 12.20 5.82 -6.56
CA PHE A 412 13.36 5.18 -7.16
C PHE A 412 12.96 4.43 -8.43
N THR A 413 11.89 3.63 -8.36
CA THR A 413 11.48 2.85 -9.52
C THR A 413 11.11 3.75 -10.69
N GLY A 414 10.41 4.86 -10.43
CA GLY A 414 9.96 5.70 -11.53
C GLY A 414 11.08 6.53 -12.13
N MET A 415 11.91 7.10 -11.27
CA MET A 415 13.07 7.84 -11.77
C MET A 415 14.05 6.91 -12.47
N MET A 416 14.13 5.65 -12.05
CA MET A 416 14.99 4.70 -12.74
C MET A 416 14.39 4.29 -14.08
N SER A 417 13.07 4.13 -14.16
CA SER A 417 12.44 3.89 -15.45
C SER A 417 12.70 5.05 -16.40
N SER A 418 12.48 6.28 -15.92
CA SER A 418 12.71 7.47 -16.74
C SER A 418 14.17 7.56 -17.17
N ALA A 419 15.10 7.30 -16.26
CA ALA A 419 16.53 7.44 -16.55
C ALA A 419 17.05 6.33 -17.46
N PHE A 420 16.61 5.09 -17.25
CA PHE A 420 17.00 4.01 -18.15
C PHE A 420 16.42 4.24 -19.54
N MET A 421 15.16 4.70 -19.62
CA MET A 421 14.61 5.10 -20.90
C MET A 421 15.50 6.16 -21.55
N GLY A 422 15.81 7.23 -20.81
CA GLY A 422 16.66 8.29 -21.35
C GLY A 422 18.02 7.78 -21.78
N GLY A 423 18.54 6.75 -21.10
CA GLY A 423 19.77 6.13 -21.56
C GLY A 423 19.61 5.48 -22.92
N ILE A 424 18.51 4.74 -23.10
CA ILE A 424 18.22 4.19 -24.42
C ILE A 424 18.04 5.30 -25.45
N ILE A 425 17.40 6.40 -25.03
CA ILE A 425 17.19 7.56 -25.91
C ILE A 425 18.52 8.09 -26.41
N ARG A 426 19.43 8.40 -25.48
CA ARG A 426 20.72 8.98 -25.84
C ARG A 426 21.55 8.01 -26.66
N LYS A 427 21.70 6.77 -26.20
CA LYS A 427 22.51 5.80 -26.92
C LYS A 427 21.95 5.51 -28.31
N ASN A 428 20.64 5.68 -28.49
CA ASN A 428 20.03 5.59 -29.82
C ASN A 428 19.77 6.96 -30.43
N GLY A 429 19.99 8.04 -29.68
CA GLY A 429 20.00 9.39 -30.22
C GLY A 429 18.74 9.80 -30.95
N LEU A 430 17.57 9.48 -30.39
CA LEU A 430 16.28 9.84 -30.98
C LEU A 430 15.55 10.89 -30.15
N GLU A 431 16.28 11.80 -29.52
CA GLU A 431 15.67 12.84 -28.71
C GLU A 431 14.70 13.68 -29.53
N GLU A 432 15.00 13.89 -30.82
CA GLU A 432 14.08 14.58 -31.71
C GLU A 432 12.72 13.90 -31.75
N ALA A 433 12.70 12.56 -31.71
CA ALA A 433 11.44 11.84 -31.70
C ALA A 433 10.78 11.89 -30.33
N PHE A 434 11.57 11.80 -29.26
CA PHE A 434 11.01 11.82 -27.90
C PHE A 434 10.38 13.17 -27.59
N ALA A 435 10.85 14.24 -28.22
CA ALA A 435 10.28 15.57 -27.95
C ALA A 435 8.79 15.64 -28.25
N THR A 436 8.27 14.74 -29.07
CA THR A 436 6.85 14.66 -29.38
C THR A 436 6.28 13.27 -29.05
N PHE A 437 6.79 12.67 -27.98
CA PHE A 437 6.39 11.33 -27.57
C PHE A 437 5.35 11.42 -26.47
N ASN A 438 4.17 10.88 -26.74
CA ASN A 438 3.15 10.66 -25.72
C ASN A 438 3.03 9.17 -25.46
N PRO A 439 2.96 8.73 -24.20
CA PRO A 439 2.84 7.28 -23.95
C PRO A 439 1.51 6.70 -24.40
N GLY A 440 0.47 7.52 -24.55
CA GLY A 440 -0.87 6.99 -24.74
C GLY A 440 -1.05 6.27 -26.07
N LEU A 441 -0.56 6.87 -27.15
CA LEU A 441 -0.86 6.36 -28.49
C LEU A 441 0.01 5.18 -28.89
N CYS A 442 0.74 4.56 -27.96
CA CYS A 442 1.43 3.31 -28.25
C CYS A 442 0.56 2.09 -27.96
N ALA A 443 -0.62 2.28 -27.38
CA ALA A 443 -1.64 1.24 -27.34
C ALA A 443 -2.33 1.27 -28.70
N GLY A 444 -1.78 0.54 -29.66
CA GLY A 444 -2.16 0.73 -31.04
C GLY A 444 -1.46 1.94 -31.60
N ARG A 445 -2.12 2.68 -32.49
CA ARG A 445 -1.70 3.96 -33.06
C ARG A 445 -0.18 4.22 -33.01
N MET A 446 0.62 3.18 -33.21
CA MET A 446 2.06 3.30 -33.05
C MET A 446 2.73 3.95 -34.26
N ALA A 447 2.09 3.91 -35.42
CA ALA A 447 2.59 4.69 -36.55
C ALA A 447 2.54 6.18 -36.25
N GLU A 448 1.52 6.61 -35.49
CA GLU A 448 1.21 8.02 -35.31
C GLU A 448 2.19 8.77 -34.42
N ILE A 449 3.39 8.24 -34.24
CA ILE A 449 4.48 8.96 -33.61
C ILE A 449 5.48 9.50 -34.62
N GLY A 450 5.81 8.70 -35.62
CA GLY A 450 6.70 9.14 -36.67
C GLY A 450 7.57 7.98 -37.13
N GLU A 451 8.71 8.35 -37.71
CA GLU A 451 9.65 7.35 -38.22
C GLU A 451 10.09 6.37 -37.13
N MET A 452 10.22 6.86 -35.89
CA MET A 452 10.74 6.05 -34.80
C MET A 452 9.72 5.86 -33.68
N GLY A 453 8.58 5.25 -33.99
CA GLY A 453 7.58 4.99 -32.99
C GLY A 453 7.87 3.75 -32.17
N PRO A 454 7.91 2.58 -32.82
CA PRO A 454 8.14 1.34 -32.08
C PRO A 454 9.47 1.29 -31.36
N ALA A 455 10.52 1.92 -31.89
CA ALA A 455 11.77 1.99 -31.14
C ALA A 455 11.61 2.82 -29.87
N LEU A 456 10.96 3.98 -29.99
CA LEU A 456 10.69 4.81 -28.82
C LEU A 456 9.92 4.05 -27.75
N CYS A 457 8.92 3.27 -28.14
CA CYS A 457 8.15 2.59 -27.12
C CYS A 457 8.78 1.29 -26.63
N SER A 458 9.64 0.67 -27.45
CA SER A 458 10.53 -0.37 -26.92
C SER A 458 11.40 0.21 -25.82
N ALA A 459 11.90 1.43 -26.03
CA ALA A 459 12.62 2.12 -24.96
C ALA A 459 11.71 2.36 -23.75
N TYR A 460 10.46 2.77 -24.00
CA TYR A 460 9.54 3.02 -22.89
C TYR A 460 9.32 1.77 -22.03
N ALA A 461 9.28 0.61 -22.66
CA ALA A 461 9.08 -0.63 -21.89
C ALA A 461 10.38 -1.09 -21.24
N GLU A 462 11.50 -1.01 -21.96
CA GLU A 462 12.75 -1.56 -21.46
C GLU A 462 13.33 -0.71 -20.34
N GLY A 463 13.10 0.61 -20.36
CA GLY A 463 13.48 1.43 -19.22
C GLY A 463 12.83 0.97 -17.94
N LEU A 464 11.53 0.67 -18.00
CA LEU A 464 10.83 0.17 -16.81
C LEU A 464 11.33 -1.21 -16.41
N ARG A 465 11.62 -2.07 -17.39
CA ARG A 465 12.17 -3.40 -17.08
C ARG A 465 13.49 -3.29 -16.30
N GLN A 466 14.45 -2.55 -16.87
CA GLN A 466 15.72 -2.31 -16.19
C GLN A 466 15.52 -1.64 -14.84
N SER A 467 14.53 -0.74 -14.74
CA SER A 467 14.23 -0.11 -13.45
C SER A 467 13.81 -1.14 -12.42
N MET A 468 12.90 -2.05 -12.78
CA MET A 468 12.44 -3.08 -11.86
C MET A 468 13.62 -3.90 -11.36
N VAL A 469 14.51 -4.30 -12.27
CA VAL A 469 15.68 -5.08 -11.83
C VAL A 469 16.54 -4.26 -10.87
N ALA A 470 16.75 -2.99 -11.19
CA ALA A 470 17.57 -2.12 -10.35
C ALA A 470 17.00 -2.02 -8.94
N THR A 471 15.70 -1.77 -8.82
CA THR A 471 15.09 -1.70 -7.50
C THR A 471 15.18 -3.03 -6.77
N VAL A 472 15.01 -4.14 -7.49
CA VAL A 472 15.11 -5.45 -6.87
C VAL A 472 16.48 -5.61 -6.21
N VAL A 473 17.52 -5.02 -6.83
CA VAL A 473 18.86 -5.12 -6.26
C VAL A 473 18.91 -4.58 -4.81
N PHE A 474 18.02 -3.66 -4.45
CA PHE A 474 18.01 -3.12 -3.08
C PHE A 474 17.71 -4.18 -2.02
N LEU A 475 17.21 -5.35 -2.44
CA LEU A 475 17.03 -6.42 -1.47
C LEU A 475 18.35 -6.88 -0.88
N VAL A 476 19.48 -6.58 -1.53
CA VAL A 476 20.78 -6.88 -0.92
C VAL A 476 21.05 -5.95 0.25
N ILE A 477 20.63 -4.69 0.14
CA ILE A 477 20.72 -3.78 1.28
C ILE A 477 19.82 -4.25 2.41
N ALA A 478 18.59 -4.67 2.06
CA ALA A 478 17.68 -5.21 3.06
C ALA A 478 18.27 -6.42 3.77
N ALA A 479 18.87 -7.33 3.01
CA ALA A 479 19.47 -8.53 3.59
C ALA A 479 20.67 -8.19 4.46
N ALA A 480 21.46 -7.18 4.04
CA ALA A 480 22.57 -6.72 4.88
C ALA A 480 22.07 -6.24 6.23
N PHE A 481 21.01 -5.43 6.23
CA PHE A 481 20.46 -4.96 7.50
C PHE A 481 19.92 -6.10 8.34
N TYR A 482 19.25 -7.08 7.72
CA TYR A 482 18.75 -8.22 8.47
C TYR A 482 19.89 -9.03 9.09
N PHE A 483 21.00 -9.18 8.35
CA PHE A 483 22.17 -9.88 8.87
C PHE A 483 22.76 -9.14 10.07
N LEU A 484 22.88 -7.82 9.95
CA LEU A 484 23.34 -7.00 11.07
C LEU A 484 22.47 -7.23 12.30
N ALA A 485 21.15 -7.19 12.12
CA ALA A 485 20.22 -7.41 13.22
C ALA A 485 20.42 -8.80 13.82
N SER A 486 20.63 -9.82 12.98
CA SER A 486 20.88 -11.16 13.48
C SER A 486 22.10 -11.19 14.38
N ARG A 487 23.15 -10.47 14.00
CA ARG A 487 24.35 -10.43 14.85
C ARG A 487 24.06 -9.76 16.18
N THR A 488 23.45 -8.57 16.16
CA THR A 488 23.29 -7.84 17.41
C THR A 488 22.10 -8.31 18.26
N PHE A 489 21.32 -9.26 17.76
CA PHE A 489 20.09 -9.65 18.44
C PHE A 489 20.36 -10.33 19.77
N LEU A 490 21.36 -11.23 19.82
CA LEU A 490 21.64 -11.96 21.06
C LEU A 490 21.82 -11.00 22.24
N LYS A 491 22.61 -9.94 22.03
CA LYS A 491 22.72 -8.90 23.04
C LYS A 491 21.40 -8.19 23.26
N ASP A 492 20.72 -7.81 22.16
CA ASP A 492 19.52 -7.00 22.31
C ASP A 492 18.29 -7.79 22.76
N ARG A 493 18.39 -9.11 22.93
CA ARG A 493 17.25 -9.91 23.31
C ARG A 493 16.78 -9.55 24.73
N TRP A 494 15.49 -9.75 24.97
CA TRP A 494 14.86 -9.46 26.25
C TRP A 494 14.28 -10.75 26.83
N SER A 495 14.69 -11.10 28.04
CA SER A 495 14.28 -12.34 28.66
C SER A 495 13.80 -12.10 30.08
N PRO A 496 12.85 -12.91 30.57
CA PRO A 496 12.35 -12.72 31.94
C PRO A 496 13.41 -12.95 33.01
N ALA A 497 14.40 -13.79 32.74
CA ALA A 497 15.45 -14.07 33.71
C ALA A 497 16.42 -12.89 33.83
#